data_2OBT
#
_entry.id   2OBT
#
_cell.length_a   55.999
_cell.length_b   95.194
_cell.length_c   118.657
_cell.angle_alpha   90.00
_cell.angle_beta   90.00
_cell.angle_gamma   90.00
#
_symmetry.space_group_name_H-M   'C 2 2 21'
#
loop_
_entity.id
_entity.type
_entity.pdbx_description
1 polymer 'Capsid protein'
2 branched alpha-L-fucopyranose-(1-2)-[alpha-D-galactopyranose-(1-3)]beta-D-galactopyranose
3 water water
#
_entity_poly.entity_id   1
_entity_poly.type   'polypeptide(L)'
_entity_poly.pdbx_seq_one_letter_code
;GFLVPPTVESRTKPFTVPILTVEEMSNSRFPIPLEKLYTGPSSAFVVQPQNGRCTTDGVLLGTTQLSAVNICTFRGDVTH
IAGSHDYIMNLASQNWNNYDPTEEIPAPLGTPDFVGKIQGMLTQTTREDGSTRAHKATVSTGSVHFTPKLGSVQYTTDTN
NDLQTGQNTKFTPVGVIQDGNNHQNEPQQWVLPNYSGRTGHNVHLAPAVAPTFPGEQLLFFRSTMPGCSGYPNMNLDCLL
PQEWVQHFYQEAAPAQSDVALLRFVNPDTGRVLFECKLHKSGYVTVAHTGPHDLVIPPNGYFRFDSWVNQFYTLAPMGNG
AGRRRAL
;
_entity_poly.pdbx_strand_id   A
#
loop_
_chem_comp.id
_chem_comp.type
_chem_comp.name
_chem_comp.formula
FUC L-saccharide, alpha linking alpha-L-fucopyranose 'C6 H12 O5'
GAL D-saccharide, beta linking beta-D-galactopyranose 'C6 H12 O6'
GLA D-saccharide, alpha linking alpha-D-galactopyranose 'C6 H12 O6'
#
# COMPACT_ATOMS: atom_id res chain seq x y z
N THR A 12 11.48 18.71 -24.00
CA THR A 12 11.45 18.30 -22.56
C THR A 12 11.22 16.80 -22.48
N LYS A 13 11.67 16.17 -21.40
CA LYS A 13 11.50 14.73 -21.22
C LYS A 13 10.00 14.44 -21.22
N PRO A 14 9.48 13.84 -22.30
CA PRO A 14 8.06 13.53 -22.36
C PRO A 14 7.57 12.58 -21.26
N PHE A 15 6.47 12.97 -20.62
CA PHE A 15 5.87 12.19 -19.54
C PHE A 15 5.00 11.05 -20.09
N THR A 16 4.97 9.90 -19.39
CA THR A 16 4.16 8.75 -19.80
C THR A 16 3.78 7.86 -18.60
N VAL A 17 2.78 7.02 -18.78
CA VAL A 17 2.41 6.04 -17.75
C VAL A 17 2.58 4.67 -18.41
N PRO A 18 2.86 3.61 -17.64
CA PRO A 18 3.03 2.31 -18.28
C PRO A 18 1.79 1.84 -19.04
N ILE A 19 2.02 0.98 -20.03
CA ILE A 19 0.98 0.46 -20.90
C ILE A 19 0.39 -0.84 -20.36
N LEU A 20 0.46 -1.03 -19.04
CA LEU A 20 -0.05 -2.26 -18.47
C LEU A 20 -1.56 -2.21 -18.19
N THR A 21 -2.21 -3.36 -18.26
CA THR A 21 -3.64 -3.40 -17.96
C THR A 21 -3.79 -3.47 -16.44
N VAL A 22 -4.99 -3.18 -15.95
CA VAL A 22 -5.24 -3.22 -14.51
C VAL A 22 -4.82 -4.57 -13.90
N GLU A 23 -5.20 -5.66 -14.55
CA GLU A 23 -4.87 -6.99 -14.06
C GLU A 23 -3.40 -7.37 -14.20
N GLU A 24 -2.65 -6.64 -15.03
CA GLU A 24 -1.24 -6.94 -15.18
C GLU A 24 -0.43 -6.17 -14.13
N MET A 25 -1.10 -5.30 -13.37
CA MET A 25 -0.40 -4.52 -12.34
C MET A 25 -0.63 -4.97 -10.90
N SER A 26 0.19 -4.46 -9.99
CA SER A 26 0.13 -4.84 -8.59
C SER A 26 -0.33 -3.71 -7.66
N ASN A 27 -1.00 -4.11 -6.57
CA ASN A 27 -1.47 -3.13 -5.59
C ASN A 27 -0.21 -2.57 -4.90
N SER A 28 -0.21 -1.26 -4.59
CA SER A 28 0.94 -0.63 -3.98
C SER A 28 0.89 -0.63 -2.46
N ARG A 29 -0.16 -1.23 -1.90
CA ARG A 29 -0.33 -1.26 -0.45
C ARG A 29 -0.35 -2.65 0.18
N PHE A 30 -0.13 -3.70 -0.62
CA PHE A 30 -0.13 -5.08 -0.14
C PHE A 30 0.35 -5.87 -1.37
N PRO A 31 1.22 -6.89 -1.17
CA PRO A 31 1.74 -7.69 -2.28
C PRO A 31 0.77 -8.62 -3.01
N ILE A 32 -0.20 -8.03 -3.69
CA ILE A 32 -1.18 -8.80 -4.45
C ILE A 32 -1.52 -8.00 -5.70
N PRO A 33 -1.95 -8.68 -6.77
CA PRO A 33 -2.30 -7.97 -8.00
C PRO A 33 -3.54 -7.09 -7.86
N LEU A 34 -3.64 -6.09 -8.74
CA LEU A 34 -4.79 -5.20 -8.76
C LEU A 34 -5.91 -6.01 -9.38
N GLU A 35 -7.16 -5.69 -9.05
CA GLU A 35 -8.30 -6.43 -9.60
C GLU A 35 -9.28 -5.58 -10.39
N LYS A 36 -9.57 -4.38 -9.89
CA LYS A 36 -10.53 -3.54 -10.56
C LYS A 36 -10.32 -2.07 -10.24
N LEU A 37 -11.16 -1.21 -10.82
CA LEU A 37 -11.09 0.22 -10.59
C LEU A 37 -12.33 0.60 -9.84
N TYR A 38 -12.18 1.46 -8.84
CA TYR A 38 -13.31 1.86 -8.03
C TYR A 38 -13.29 3.33 -7.70
N THR A 39 -14.47 3.95 -7.73
CA THR A 39 -14.58 5.36 -7.37
C THR A 39 -15.77 5.48 -6.43
N GLY A 40 -15.74 6.51 -5.60
CA GLY A 40 -16.81 6.74 -4.65
C GLY A 40 -16.46 7.94 -3.81
N PRO A 41 -17.39 8.46 -3.00
CA PRO A 41 -17.10 9.63 -2.15
C PRO A 41 -16.10 9.27 -1.06
N SER A 42 -15.26 10.23 -0.68
CA SER A 42 -14.24 9.97 0.33
C SER A 42 -14.24 11.03 1.40
N SER A 43 -15.23 11.92 1.35
CA SER A 43 -15.34 13.00 2.32
C SER A 43 -15.52 12.48 3.75
N ALA A 44 -16.00 11.24 3.88
CA ALA A 44 -16.22 10.64 5.20
C ALA A 44 -14.99 9.95 5.76
N PHE A 45 -13.89 9.98 5.03
CA PHE A 45 -12.67 9.34 5.50
C PHE A 45 -11.47 10.27 5.38
N VAL A 46 -10.35 9.82 5.94
CA VAL A 46 -9.09 10.55 5.88
C VAL A 46 -8.18 9.71 4.98
N VAL A 47 -8.18 10.04 3.69
CA VAL A 47 -7.38 9.30 2.70
C VAL A 47 -5.93 9.75 2.75
N GLN A 48 -5.14 9.07 3.57
CA GLN A 48 -3.73 9.41 3.71
C GLN A 48 -2.83 8.17 3.73
N PRO A 49 -2.93 7.33 2.70
CA PRO A 49 -2.09 6.13 2.66
C PRO A 49 -0.62 6.53 2.53
N GLN A 50 0.28 5.73 3.10
CA GLN A 50 1.70 6.02 3.04
C GLN A 50 2.44 5.17 2.01
N ASN A 51 1.87 4.02 1.66
CA ASN A 51 2.50 3.19 0.63
C ASN A 51 1.83 3.56 -0.68
N GLY A 52 2.54 3.37 -1.79
CA GLY A 52 1.97 3.72 -3.09
C GLY A 52 1.83 5.24 -3.26
N ARG A 53 2.77 5.99 -2.70
CA ARG A 53 2.74 7.45 -2.79
C ARG A 53 3.99 7.91 -3.54
N CYS A 54 3.79 8.67 -4.61
CA CYS A 54 4.90 9.13 -5.41
C CYS A 54 4.45 10.22 -6.39
N THR A 55 5.32 11.21 -6.63
CA THR A 55 4.95 12.28 -7.55
C THR A 55 5.13 11.79 -8.97
N THR A 56 4.43 12.42 -9.91
CA THR A 56 4.53 12.01 -11.32
C THR A 56 5.96 12.34 -11.76
N ASP A 57 6.63 13.09 -10.90
CA ASP A 57 7.99 13.57 -11.07
C ASP A 57 8.96 12.47 -10.67
N GLY A 58 8.47 11.48 -9.91
CA GLY A 58 9.33 10.38 -9.50
C GLY A 58 9.88 10.55 -8.10
N VAL A 59 9.24 11.37 -7.29
CA VAL A 59 9.69 11.54 -5.93
C VAL A 59 8.86 10.66 -5.02
N LEU A 60 9.52 9.68 -4.39
CA LEU A 60 8.86 8.75 -3.48
C LEU A 60 8.41 9.46 -2.21
N LEU A 61 7.22 9.13 -1.72
CA LEU A 61 6.67 9.76 -0.52
C LEU A 61 6.29 8.75 0.56
N GLY A 62 6.11 9.23 1.78
CA GLY A 62 5.75 8.36 2.89
C GLY A 62 6.71 7.20 3.09
N THR A 63 6.16 5.99 3.21
CA THR A 63 6.95 4.78 3.42
C THR A 63 7.04 3.98 2.11
N THR A 64 6.85 4.67 0.99
CA THR A 64 6.86 3.99 -0.29
C THR A 64 8.23 3.57 -0.79
N GLN A 65 8.34 2.30 -1.19
CA GLN A 65 9.59 1.79 -1.76
C GLN A 65 9.25 1.12 -3.09
N LEU A 66 10.25 0.69 -3.84
CA LEU A 66 10.04 0.13 -5.18
C LEU A 66 9.53 -1.29 -5.38
N SER A 67 9.91 -2.21 -4.49
CA SER A 67 9.50 -3.60 -4.59
C SER A 67 8.04 -3.91 -4.25
N ALA A 68 7.33 -4.52 -5.20
CA ALA A 68 5.94 -4.90 -4.98
C ALA A 68 5.85 -6.03 -3.95
N VAL A 69 6.82 -6.94 -3.97
CA VAL A 69 6.83 -8.09 -3.07
C VAL A 69 7.27 -7.77 -1.64
N ASN A 70 7.93 -6.63 -1.44
CA ASN A 70 8.39 -6.25 -0.10
C ASN A 70 7.36 -5.48 0.73
N ILE A 71 6.20 -5.16 0.17
CA ILE A 71 5.18 -4.42 0.89
C ILE A 71 4.55 -5.27 2.01
N CYS A 72 4.55 -4.73 3.23
CA CYS A 72 4.01 -5.40 4.40
C CYS A 72 4.84 -6.58 4.88
N THR A 73 6.12 -6.59 4.52
CA THR A 73 6.99 -7.67 4.96
C THR A 73 7.94 -7.06 5.99
N PHE A 74 8.35 -7.87 6.95
CA PHE A 74 9.27 -7.44 7.99
C PHE A 74 10.43 -8.41 8.05
N ARG A 75 11.60 -7.90 8.46
CA ARG A 75 12.81 -8.70 8.58
C ARG A 75 13.53 -8.30 9.88
N GLY A 76 14.23 -9.25 10.47
CA GLY A 76 14.96 -8.97 11.71
C GLY A 76 15.24 -10.23 12.50
N ASP A 77 15.31 -10.09 13.82
CA ASP A 77 15.54 -11.24 14.70
C ASP A 77 14.45 -11.16 15.76
N VAL A 78 14.18 -12.27 16.44
CA VAL A 78 13.12 -12.29 17.43
C VAL A 78 13.51 -12.85 18.78
N THR A 79 12.66 -12.60 19.77
CA THR A 79 12.85 -13.09 21.12
C THR A 79 11.47 -13.41 21.68
N HIS A 80 11.37 -14.59 22.29
CA HIS A 80 10.13 -15.08 22.87
C HIS A 80 9.63 -14.29 24.07
N ILE A 81 8.32 -14.15 24.18
CA ILE A 81 7.72 -13.49 25.31
C ILE A 81 7.30 -14.63 26.25
N ALA A 82 8.11 -14.87 27.28
CA ALA A 82 7.85 -15.92 28.25
C ALA A 82 6.39 -15.99 28.69
N GLY A 83 5.82 -17.20 28.68
CA GLY A 83 4.44 -17.40 29.10
C GLY A 83 3.39 -17.19 28.03
N SER A 84 3.82 -16.95 26.79
CA SER A 84 2.88 -16.72 25.69
C SER A 84 3.36 -17.40 24.41
N HIS A 85 2.63 -17.16 23.33
CA HIS A 85 3.00 -17.70 22.02
C HIS A 85 3.29 -16.47 21.17
N ASP A 86 3.80 -15.44 21.84
CA ASP A 86 4.14 -14.17 21.21
C ASP A 86 5.62 -13.91 21.12
N TYR A 87 5.99 -13.14 20.10
CA TYR A 87 7.37 -12.81 19.87
C TYR A 87 7.54 -11.35 19.48
N ILE A 88 8.70 -10.81 19.84
CA ILE A 88 9.07 -9.45 19.53
C ILE A 88 10.13 -9.55 18.45
N MET A 89 9.98 -8.77 17.39
CA MET A 89 10.98 -8.80 16.35
C MET A 89 11.69 -7.45 16.35
N ASN A 90 13.01 -7.49 16.41
CA ASN A 90 13.81 -6.29 16.37
C ASN A 90 14.11 -6.15 14.88
N LEU A 91 13.49 -5.14 14.28
CA LEU A 91 13.61 -4.90 12.84
C LEU A 91 14.97 -4.55 12.28
N ALA A 92 15.21 -5.07 11.08
CA ALA A 92 16.42 -4.81 10.32
C ALA A 92 15.84 -4.20 9.05
N SER A 93 16.69 -3.60 8.22
CA SER A 93 16.18 -3.03 6.97
C SER A 93 15.97 -4.22 6.02
N GLN A 94 15.22 -4.02 4.95
CA GLN A 94 14.93 -5.10 4.01
C GLN A 94 16.15 -5.89 3.55
N ASN A 95 17.31 -5.27 3.54
CA ASN A 95 18.51 -5.96 3.12
C ASN A 95 19.22 -6.63 4.30
N TRP A 96 18.51 -6.73 5.43
CA TRP A 96 19.03 -7.35 6.65
C TRP A 96 20.09 -6.53 7.39
N ASN A 97 20.23 -5.27 7.00
CA ASN A 97 21.18 -4.39 7.66
C ASN A 97 20.46 -3.66 8.78
N ASN A 98 21.24 -2.95 9.59
CA ASN A 98 20.70 -2.18 10.71
C ASN A 98 19.62 -1.22 10.27
N TYR A 99 18.56 -1.13 11.06
CA TYR A 99 17.47 -0.20 10.77
C TYR A 99 17.83 1.14 11.42
N ASP A 100 17.83 2.20 10.61
CA ASP A 100 18.17 3.55 11.08
C ASP A 100 16.91 4.36 11.38
N PRO A 101 16.58 4.53 12.66
CA PRO A 101 15.38 5.30 13.01
C PRO A 101 15.53 6.80 12.73
N THR A 102 16.77 7.23 12.45
CA THR A 102 17.06 8.63 12.19
C THR A 102 16.51 9.18 10.88
N GLU A 103 16.36 8.31 9.88
CA GLU A 103 15.85 8.72 8.58
C GLU A 103 14.53 9.47 8.66
N GLU A 104 14.40 10.50 7.84
CA GLU A 104 13.20 11.33 7.83
C GLU A 104 12.02 10.67 7.13
N ILE A 105 11.64 9.50 7.62
CA ILE A 105 10.53 8.76 7.06
C ILE A 105 9.61 8.30 8.19
N PRO A 106 8.32 8.08 7.90
CA PRO A 106 7.34 7.64 8.91
C PRO A 106 7.68 6.34 9.61
N ALA A 107 8.32 5.43 8.89
CA ALA A 107 8.70 4.13 9.45
C ALA A 107 9.45 3.42 8.33
N PRO A 108 9.94 2.19 8.59
CA PRO A 108 10.66 1.45 7.54
C PRO A 108 9.87 1.43 6.25
N LEU A 109 10.54 1.63 5.12
CA LEU A 109 9.83 1.62 3.85
C LEU A 109 9.09 0.31 3.72
N GLY A 110 7.85 0.38 3.25
CA GLY A 110 7.06 -0.82 3.07
C GLY A 110 6.22 -1.19 4.28
N THR A 111 6.38 -0.48 5.40
CA THR A 111 5.60 -0.78 6.59
C THR A 111 4.12 -0.67 6.21
N PRO A 112 3.27 -1.55 6.77
CA PRO A 112 1.85 -1.46 6.43
C PRO A 112 1.29 -0.12 6.88
N ASP A 113 0.40 0.46 6.07
CA ASP A 113 -0.17 1.78 6.36
C ASP A 113 -1.67 1.77 6.73
N PHE A 114 -2.12 0.74 7.42
CA PHE A 114 -3.53 0.69 7.83
C PHE A 114 -3.63 -0.11 9.13
N VAL A 115 -4.69 0.14 9.90
CA VAL A 115 -4.88 -0.56 11.15
C VAL A 115 -5.62 -1.85 10.86
N GLY A 116 -4.96 -2.96 11.17
CA GLY A 116 -5.56 -4.26 10.94
C GLY A 116 -4.70 -5.40 11.43
N LYS A 117 -5.26 -6.60 11.35
CA LYS A 117 -4.58 -7.79 11.80
C LYS A 117 -4.14 -8.56 10.56
N ILE A 118 -2.85 -8.42 10.24
CA ILE A 118 -2.27 -9.08 9.07
C ILE A 118 -1.66 -10.42 9.43
N GLN A 119 -2.16 -11.48 8.83
CA GLN A 119 -1.64 -12.80 9.10
C GLN A 119 -0.72 -13.25 7.99
N GLY A 120 0.33 -13.97 8.36
CA GLY A 120 1.27 -14.49 7.39
C GLY A 120 2.12 -15.54 8.07
N MET A 121 3.37 -15.66 7.65
CA MET A 121 4.25 -16.64 8.25
C MET A 121 5.61 -16.06 8.59
N LEU A 122 6.16 -16.52 9.70
CA LEU A 122 7.50 -16.13 10.10
C LEU A 122 8.34 -17.33 9.70
N THR A 123 9.47 -17.07 9.08
CA THR A 123 10.37 -18.12 8.65
C THR A 123 11.75 -17.70 9.13
N GLN A 124 12.58 -18.66 9.51
CA GLN A 124 13.94 -18.34 9.92
C GLN A 124 14.89 -19.49 9.64
N THR A 125 16.16 -19.14 9.52
CA THR A 125 17.19 -20.12 9.25
C THR A 125 18.26 -19.98 10.33
N THR A 126 18.84 -21.11 10.75
CA THR A 126 19.91 -21.08 11.74
C THR A 126 21.18 -21.05 10.90
N ARG A 127 21.92 -19.95 11.01
CA ARG A 127 23.15 -19.77 10.25
C ARG A 127 24.14 -20.92 10.33
N GLU A 128 24.35 -21.41 11.53
CA GLU A 128 25.29 -22.49 11.81
C GLU A 128 25.13 -23.78 11.01
N ASP A 129 23.91 -24.33 10.98
CA ASP A 129 23.67 -25.59 10.29
C ASP A 129 22.72 -25.51 9.11
N GLY A 130 22.09 -24.37 8.92
CA GLY A 130 21.18 -24.22 7.80
C GLY A 130 19.83 -24.88 8.00
N SER A 131 19.47 -25.13 9.26
CA SER A 131 18.17 -25.73 9.56
C SER A 131 17.16 -24.61 9.45
N THR A 132 15.93 -24.94 9.07
CA THR A 132 14.90 -23.94 8.89
C THR A 132 13.56 -24.29 9.54
N ARG A 133 12.73 -23.27 9.72
CA ARG A 133 11.44 -23.44 10.37
C ARG A 133 10.46 -22.34 9.96
N ALA A 134 9.17 -22.62 10.10
CA ALA A 134 8.14 -21.65 9.75
C ALA A 134 6.97 -21.75 10.71
N HIS A 135 6.36 -20.61 11.01
CA HIS A 135 5.23 -20.60 11.92
C HIS A 135 4.23 -19.54 11.52
N LYS A 136 2.94 -19.90 11.57
CA LYS A 136 1.90 -18.93 11.25
C LYS A 136 1.93 -17.86 12.32
N ALA A 137 1.79 -16.61 11.89
CA ALA A 137 1.81 -15.51 12.83
C ALA A 137 0.98 -14.35 12.33
N THR A 138 0.55 -13.53 13.28
CA THR A 138 -0.26 -12.37 12.98
C THR A 138 0.31 -11.14 13.66
N VAL A 139 0.35 -10.03 12.95
CA VAL A 139 0.84 -8.80 13.52
C VAL A 139 -0.33 -7.81 13.53
N SER A 140 -0.66 -7.31 14.72
CA SER A 140 -1.76 -6.35 14.87
C SER A 140 -1.20 -4.93 14.85
N THR A 141 -1.46 -4.22 13.76
CA THR A 141 -0.96 -2.88 13.57
C THR A 141 -1.66 -1.84 14.45
N GLY A 142 -2.73 -2.25 15.12
CA GLY A 142 -3.45 -1.34 16.00
C GLY A 142 -3.01 -1.50 17.45
N SER A 143 -2.11 -2.44 17.67
CA SER A 143 -1.57 -2.74 19.00
C SER A 143 -0.53 -1.73 19.46
N VAL A 144 -0.49 -1.46 20.76
CA VAL A 144 0.47 -0.51 21.28
C VAL A 144 1.90 -1.01 21.09
N HIS A 145 2.03 -2.30 20.82
CA HIS A 145 3.34 -2.88 20.61
C HIS A 145 3.78 -2.79 19.15
N PHE A 146 2.93 -2.19 18.32
CA PHE A 146 3.27 -2.02 16.91
C PHE A 146 4.04 -0.72 16.84
N THR A 147 5.36 -0.82 16.93
CA THR A 147 6.26 0.33 16.91
C THR A 147 7.34 0.26 15.84
N PRO A 148 6.95 0.15 14.55
CA PRO A 148 7.88 0.06 13.42
C PRO A 148 8.97 1.12 13.45
N LYS A 149 8.55 2.37 13.63
CA LYS A 149 9.47 3.51 13.65
C LYS A 149 10.52 3.37 14.75
N LEU A 150 10.15 2.74 15.88
CA LEU A 150 11.09 2.54 16.96
C LEU A 150 12.00 1.34 16.69
N GLY A 151 11.61 0.53 15.71
CA GLY A 151 12.41 -0.63 15.36
C GLY A 151 11.94 -1.98 15.88
N SER A 152 10.69 -2.06 16.32
CA SER A 152 10.17 -3.32 16.84
C SER A 152 8.67 -3.51 16.63
N VAL A 153 8.30 -4.76 16.39
CA VAL A 153 6.89 -5.12 16.19
C VAL A 153 6.68 -6.44 16.93
N GLN A 154 5.43 -6.77 17.21
CA GLN A 154 5.13 -8.00 17.94
C GLN A 154 4.15 -8.89 17.17
N TYR A 155 4.35 -10.19 17.28
CA TYR A 155 3.49 -11.16 16.64
C TYR A 155 2.89 -12.14 17.62
N THR A 156 1.70 -12.62 17.30
CA THR A 156 1.09 -13.65 18.11
C THR A 156 1.21 -14.86 17.18
N THR A 157 1.74 -15.96 17.70
CA THR A 157 1.92 -17.15 16.87
C THR A 157 1.26 -18.38 17.44
N ASP A 158 1.55 -19.52 16.83
CA ASP A 158 0.99 -20.79 17.27
C ASP A 158 2.04 -21.60 18.02
N THR A 159 3.24 -21.04 18.15
CA THR A 159 4.33 -21.72 18.84
C THR A 159 4.95 -20.91 19.98
N ASN A 160 5.75 -21.57 20.81
CA ASN A 160 6.40 -20.90 21.92
C ASN A 160 7.76 -21.51 22.24
N ASN A 161 8.32 -22.26 21.31
CA ASN A 161 9.60 -22.91 21.58
C ASN A 161 10.49 -23.21 20.38
N ASP A 162 10.00 -22.98 19.18
CA ASP A 162 10.80 -23.33 18.00
C ASP A 162 11.61 -22.19 17.38
N LEU A 163 11.18 -20.95 17.57
CA LEU A 163 11.90 -19.80 17.03
C LEU A 163 13.13 -19.51 17.91
N GLN A 164 14.28 -19.31 17.29
CA GLN A 164 15.52 -19.06 18.02
C GLN A 164 15.89 -17.58 18.05
N THR A 165 16.67 -17.20 19.06
CA THR A 165 17.12 -15.82 19.22
C THR A 165 18.37 -15.59 18.36
N GLY A 166 18.60 -14.33 18.00
CA GLY A 166 19.76 -13.97 17.19
C GLY A 166 19.89 -14.64 15.83
N GLN A 167 18.77 -14.91 15.16
CA GLN A 167 18.78 -15.56 13.85
C GLN A 167 17.84 -14.81 12.90
N ASN A 168 18.32 -14.49 11.70
CA ASN A 168 17.49 -13.76 10.75
C ASN A 168 16.14 -14.43 10.64
N THR A 169 15.09 -13.61 10.72
CA THR A 169 13.72 -14.08 10.68
C THR A 169 12.96 -13.13 9.77
N LYS A 170 12.06 -13.69 8.96
CA LYS A 170 11.27 -12.86 8.05
C LYS A 170 9.78 -13.11 8.23
N PHE A 171 8.99 -12.05 8.01
CA PHE A 171 7.54 -12.17 8.08
C PHE A 171 7.03 -11.96 6.66
N THR A 172 6.32 -12.96 6.14
CA THR A 172 5.76 -12.85 4.81
C THR A 172 4.27 -12.71 5.00
N PRO A 173 3.70 -11.59 4.53
CA PRO A 173 2.26 -11.36 4.68
C PRO A 173 1.43 -12.20 3.71
N VAL A 174 0.27 -12.64 4.17
CA VAL A 174 -0.63 -13.43 3.34
C VAL A 174 -1.99 -12.74 3.22
N GLY A 175 -2.58 -12.34 4.35
CA GLY A 175 -3.87 -11.69 4.32
C GLY A 175 -4.29 -11.07 5.64
N VAL A 176 -5.57 -10.81 5.78
CA VAL A 176 -6.10 -10.20 7.01
C VAL A 176 -7.17 -11.04 7.70
N ILE A 177 -7.31 -10.84 9.01
CA ILE A 177 -8.31 -11.57 9.79
C ILE A 177 -9.25 -10.56 10.45
N GLN A 178 -10.27 -11.05 11.12
CA GLN A 178 -11.24 -10.19 11.81
C GLN A 178 -11.84 -10.97 12.97
N ASP A 179 -12.20 -10.26 14.04
CA ASP A 179 -12.81 -10.87 15.22
C ASP A 179 -14.06 -10.14 15.66
N GLY A 180 -14.89 -10.82 16.44
CA GLY A 180 -16.13 -10.22 16.95
C GLY A 180 -17.28 -10.17 15.97
N ASN A 181 -18.47 -9.89 16.49
CA ASN A 181 -19.64 -9.79 15.64
C ASN A 181 -19.45 -8.49 14.88
N ASN A 182 -20.49 -7.97 14.25
CA ASN A 182 -20.32 -6.74 13.49
C ASN A 182 -19.18 -7.01 12.49
N HIS A 183 -19.53 -7.76 11.46
CA HIS A 183 -18.60 -8.16 10.42
C HIS A 183 -17.98 -7.00 9.66
N GLN A 184 -16.89 -7.28 8.95
CA GLN A 184 -16.19 -6.28 8.16
C GLN A 184 -15.79 -5.01 8.93
N ASN A 185 -15.84 -5.07 10.26
CA ASN A 185 -15.48 -3.90 11.06
C ASN A 185 -13.99 -3.59 10.94
N GLU A 186 -13.21 -4.60 10.56
CA GLU A 186 -11.76 -4.45 10.42
C GLU A 186 -11.25 -5.34 9.30
N PRO A 187 -10.09 -5.00 8.71
CA PRO A 187 -9.26 -3.83 9.05
C PRO A 187 -9.87 -2.49 8.61
N GLN A 188 -9.20 -1.40 8.96
CA GLN A 188 -9.62 -0.04 8.60
C GLN A 188 -8.53 0.51 7.69
N GLN A 189 -8.72 0.32 6.39
CA GLN A 189 -7.73 0.73 5.40
C GLN A 189 -7.37 2.20 5.35
N TRP A 190 -8.24 3.06 5.88
CA TRP A 190 -7.97 4.49 5.85
C TRP A 190 -7.51 5.07 7.20
N VAL A 191 -7.24 4.20 8.16
CA VAL A 191 -6.77 4.64 9.47
C VAL A 191 -5.32 4.24 9.62
N LEU A 192 -4.43 5.23 9.61
CA LEU A 192 -3.01 4.97 9.75
C LEU A 192 -2.69 4.47 11.15
N PRO A 193 -1.76 3.51 11.26
CA PRO A 193 -1.42 3.03 12.59
C PRO A 193 -0.44 4.00 13.24
N ASN A 194 -0.19 3.85 14.53
CA ASN A 194 0.76 4.70 15.24
C ASN A 194 2.16 4.09 15.11
N TYR A 195 2.89 4.51 14.09
CA TYR A 195 4.23 3.98 13.83
C TYR A 195 5.18 3.98 15.02
N SER A 196 5.03 4.92 15.94
CA SER A 196 5.90 4.99 17.11
C SER A 196 5.20 4.56 18.38
N GLY A 197 4.01 3.99 18.22
CA GLY A 197 3.25 3.59 19.38
C GLY A 197 2.88 4.85 20.14
N ARG A 198 2.81 4.76 21.46
CA ARG A 198 2.46 5.91 22.29
C ARG A 198 3.65 6.83 22.53
N THR A 199 4.83 6.42 22.07
CA THR A 199 6.05 7.20 22.26
C THR A 199 5.99 8.56 21.57
N GLY A 200 5.12 8.68 20.57
CA GLY A 200 4.99 9.94 19.86
C GLY A 200 4.14 9.84 18.60
N HIS A 201 3.72 11.00 18.10
CA HIS A 201 2.89 11.05 16.90
C HIS A 201 3.66 10.65 15.65
N ASN A 202 2.92 10.33 14.59
CA ASN A 202 3.51 9.95 13.31
C ASN A 202 4.26 11.15 12.72
N VAL A 203 5.32 10.87 12.00
CA VAL A 203 6.11 11.93 11.40
C VAL A 203 6.42 11.71 9.93
N HIS A 204 6.64 12.82 9.22
CA HIS A 204 6.99 12.79 7.80
C HIS A 204 5.98 12.06 6.91
N LEU A 205 4.71 12.25 7.20
CA LEU A 205 3.66 11.60 6.44
C LEU A 205 3.43 12.20 5.05
N ALA A 206 3.05 11.35 4.10
CA ALA A 206 2.71 11.86 2.77
C ALA A 206 1.39 12.56 3.11
N PRO A 207 1.08 13.68 2.42
CA PRO A 207 -0.17 14.39 2.74
C PRO A 207 -1.47 13.65 2.47
N ALA A 208 -2.51 14.07 3.18
CA ALA A 208 -3.83 13.49 3.01
C ALA A 208 -4.28 13.93 1.62
N VAL A 209 -5.15 13.15 0.99
CA VAL A 209 -5.62 13.48 -0.35
C VAL A 209 -7.13 13.56 -0.45
N ALA A 210 -7.62 14.46 -1.30
CA ALA A 210 -9.05 14.64 -1.48
C ALA A 210 -9.32 15.35 -2.80
N PRO A 211 -10.43 15.01 -3.47
CA PRO A 211 -10.77 15.66 -4.73
C PRO A 211 -11.24 17.09 -4.44
N THR A 212 -10.56 18.08 -5.02
CA THR A 212 -10.90 19.48 -4.79
C THR A 212 -11.86 20.05 -5.82
N PHE A 213 -11.81 19.51 -7.03
CA PHE A 213 -12.67 19.97 -8.12
C PHE A 213 -14.08 19.44 -7.93
N PRO A 214 -15.08 20.35 -7.93
CA PRO A 214 -16.49 19.98 -7.77
C PRO A 214 -16.94 18.97 -8.82
N GLY A 215 -17.62 17.91 -8.37
CA GLY A 215 -18.10 16.89 -9.27
C GLY A 215 -17.13 15.73 -9.47
N GLU A 216 -15.95 15.81 -8.85
CA GLU A 216 -14.99 14.74 -8.99
C GLU A 216 -14.87 13.89 -7.73
N GLN A 217 -14.37 12.67 -7.92
CA GLN A 217 -14.14 11.71 -6.85
C GLN A 217 -12.82 11.03 -7.15
N LEU A 218 -12.17 10.51 -6.11
CA LEU A 218 -10.91 9.81 -6.31
C LEU A 218 -11.16 8.51 -7.08
N LEU A 219 -10.17 8.12 -7.88
CA LEU A 219 -10.24 6.86 -8.62
C LEU A 219 -9.27 5.92 -7.91
N PHE A 220 -9.79 4.84 -7.34
CA PHE A 220 -8.94 3.90 -6.61
C PHE A 220 -8.57 2.67 -7.44
N PHE A 221 -7.37 2.16 -7.20
CA PHE A 221 -6.94 0.93 -7.86
C PHE A 221 -7.16 -0.12 -6.76
N ARG A 222 -8.20 -0.91 -6.95
CA ARG A 222 -8.64 -1.90 -5.96
C ARG A 222 -8.23 -3.37 -6.08
N SER A 223 -7.97 -3.99 -4.93
CA SER A 223 -7.61 -5.40 -4.83
C SER A 223 -8.45 -5.99 -3.69
N THR A 224 -8.50 -7.31 -3.61
CA THR A 224 -9.23 -7.98 -2.54
C THR A 224 -8.20 -8.73 -1.70
N MET A 225 -7.85 -8.20 -0.53
CA MET A 225 -6.87 -8.89 0.32
C MET A 225 -7.45 -10.22 0.76
N PRO A 226 -6.67 -11.31 0.65
CA PRO A 226 -7.24 -12.58 1.09
C PRO A 226 -7.59 -12.56 2.59
N GLY A 227 -8.67 -13.26 2.93
CA GLY A 227 -9.11 -13.34 4.31
C GLY A 227 -8.61 -14.63 4.92
N CYS A 228 -8.11 -14.56 6.15
CA CYS A 228 -7.57 -15.74 6.80
C CYS A 228 -8.39 -16.21 7.99
N SER A 229 -9.44 -15.47 8.34
CA SER A 229 -10.26 -15.83 9.49
C SER A 229 -11.28 -14.76 9.83
N GLY A 230 -12.49 -15.18 10.19
CA GLY A 230 -13.52 -14.23 10.54
C GLY A 230 -14.15 -13.56 9.34
N TYR A 231 -14.70 -12.37 9.55
CA TYR A 231 -15.34 -11.63 8.48
C TYR A 231 -14.67 -10.29 8.28
N PRO A 232 -13.47 -10.29 7.68
CA PRO A 232 -12.72 -9.05 7.44
C PRO A 232 -13.21 -8.23 6.25
N ASN A 233 -12.99 -6.93 6.32
CA ASN A 233 -13.32 -6.02 5.22
C ASN A 233 -12.08 -6.22 4.37
N MET A 234 -12.23 -6.89 3.24
CA MET A 234 -11.08 -7.19 2.40
C MET A 234 -10.72 -6.21 1.28
N ASN A 235 -11.47 -5.12 1.17
CA ASN A 235 -11.21 -4.12 0.14
C ASN A 235 -9.91 -3.34 0.42
N LEU A 236 -9.03 -3.23 -0.58
CA LEU A 236 -7.80 -2.46 -0.43
C LEU A 236 -7.63 -1.56 -1.64
N ASP A 237 -7.75 -0.25 -1.42
CA ASP A 237 -7.63 0.74 -2.48
C ASP A 237 -6.31 1.52 -2.41
N CYS A 238 -5.57 1.55 -3.51
CA CYS A 238 -4.34 2.34 -3.52
C CYS A 238 -4.52 3.49 -4.53
N LEU A 239 -3.72 4.54 -4.37
CA LEU A 239 -3.83 5.71 -5.24
C LEU A 239 -3.10 5.53 -6.56
N LEU A 240 -2.09 4.68 -6.56
CA LEU A 240 -1.31 4.41 -7.76
C LEU A 240 -0.83 2.98 -7.81
N PRO A 241 -0.87 2.35 -9.00
CA PRO A 241 -0.40 0.98 -9.14
C PRO A 241 1.09 0.99 -8.78
N GLN A 242 1.60 -0.11 -8.24
CA GLN A 242 3.00 -0.18 -7.89
C GLN A 242 3.89 0.09 -9.10
N GLU A 243 3.52 -0.41 -10.28
CA GLU A 243 4.35 -0.18 -11.47
C GLU A 243 4.38 1.29 -11.87
N TRP A 244 3.32 2.03 -11.55
CA TRP A 244 3.31 3.44 -11.86
C TRP A 244 4.38 4.10 -11.00
N VAL A 245 4.48 3.69 -9.74
CA VAL A 245 5.49 4.23 -8.84
C VAL A 245 6.87 3.91 -9.42
N GLN A 246 7.05 2.67 -9.87
CA GLN A 246 8.34 2.26 -10.43
C GLN A 246 8.69 3.09 -11.67
N HIS A 247 7.69 3.30 -12.51
CA HIS A 247 7.84 4.05 -13.75
C HIS A 247 8.20 5.52 -13.59
N PHE A 248 7.46 6.22 -12.75
CA PHE A 248 7.71 7.64 -12.51
C PHE A 248 9.12 7.80 -11.92
N TYR A 249 9.49 6.92 -11.00
CA TYR A 249 10.80 6.96 -10.36
C TYR A 249 11.95 6.90 -11.36
N GLN A 250 11.86 5.98 -12.32
CA GLN A 250 12.90 5.81 -13.32
C GLN A 250 12.83 6.86 -14.42
N GLU A 251 11.62 7.23 -14.83
CA GLU A 251 11.43 8.23 -15.88
C GLU A 251 11.73 9.65 -15.40
N ALA A 252 11.29 9.97 -14.19
CA ALA A 252 11.48 11.28 -13.61
C ALA A 252 11.20 12.44 -14.58
N ALA A 253 10.11 12.34 -15.33
CA ALA A 253 9.75 13.38 -16.27
C ALA A 253 9.12 14.57 -15.55
N PRO A 254 9.54 15.80 -15.90
CA PRO A 254 9.05 17.06 -15.31
C PRO A 254 7.58 17.30 -15.60
N ALA A 255 6.80 17.57 -14.56
CA ALA A 255 5.38 17.84 -14.73
C ALA A 255 5.28 19.25 -15.32
N GLN A 256 4.58 19.40 -16.45
CA GLN A 256 4.43 20.70 -17.10
C GLN A 256 3.21 21.48 -16.61
N SER A 257 2.44 20.86 -15.74
CA SER A 257 1.24 21.44 -15.16
C SER A 257 0.96 20.64 -13.90
N ASP A 258 -0.06 21.03 -13.13
CA ASP A 258 -0.37 20.27 -11.92
C ASP A 258 -1.24 19.07 -12.25
N VAL A 259 -1.74 19.00 -13.47
CA VAL A 259 -2.63 17.91 -13.86
C VAL A 259 -2.35 17.26 -15.22
N ALA A 260 -2.13 15.95 -15.20
CA ALA A 260 -1.87 15.19 -16.42
C ALA A 260 -3.18 14.51 -16.81
N LEU A 261 -3.63 14.74 -18.04
CA LEU A 261 -4.86 14.13 -18.51
C LEU A 261 -4.58 12.76 -19.10
N LEU A 262 -5.26 11.75 -18.56
CA LEU A 262 -5.09 10.38 -19.04
C LEU A 262 -6.39 9.91 -19.66
N ARG A 263 -6.28 9.00 -20.64
CA ARG A 263 -7.43 8.41 -21.31
C ARG A 263 -7.32 6.90 -21.15
N PHE A 264 -8.39 6.24 -20.69
CA PHE A 264 -8.35 4.80 -20.56
C PHE A 264 -8.75 4.30 -21.93
N VAL A 265 -7.83 3.65 -22.62
CA VAL A 265 -8.09 3.17 -23.96
C VAL A 265 -8.03 1.66 -24.11
N ASN A 266 -8.83 1.14 -25.05
CA ASN A 266 -8.89 -0.29 -25.35
C ASN A 266 -8.01 -0.51 -26.58
N PRO A 267 -6.84 -1.14 -26.38
CA PRO A 267 -5.89 -1.41 -27.47
C PRO A 267 -6.50 -2.18 -28.63
N ASP A 268 -7.61 -2.88 -28.39
CA ASP A 268 -8.27 -3.66 -29.41
C ASP A 268 -9.05 -2.75 -30.36
N THR A 269 -10.09 -2.13 -29.83
CA THR A 269 -10.94 -1.23 -30.62
C THR A 269 -10.27 0.12 -30.88
N GLY A 270 -9.22 0.43 -30.13
CA GLY A 270 -8.53 1.70 -30.30
C GLY A 270 -9.35 2.87 -29.76
N ARG A 271 -10.45 2.55 -29.11
CA ARG A 271 -11.35 3.56 -28.55
C ARG A 271 -11.19 3.86 -27.06
N VAL A 272 -11.44 5.13 -26.72
CA VAL A 272 -11.35 5.60 -25.34
C VAL A 272 -12.65 5.31 -24.58
N LEU A 273 -12.52 4.86 -23.34
CA LEU A 273 -13.67 4.57 -22.48
C LEU A 273 -14.02 5.77 -21.60
N PHE A 274 -13.00 6.37 -20.98
CA PHE A 274 -13.17 7.52 -20.12
C PHE A 274 -11.83 8.23 -19.92
N GLU A 275 -11.89 9.43 -19.40
CA GLU A 275 -10.67 10.18 -19.13
C GLU A 275 -10.64 10.49 -17.64
N CYS A 276 -9.46 10.79 -17.13
CA CYS A 276 -9.31 11.08 -15.71
C CYS A 276 -8.11 11.99 -15.47
N LYS A 277 -8.02 12.53 -14.27
CA LYS A 277 -6.92 13.42 -13.89
C LYS A 277 -5.90 12.75 -13.00
N LEU A 278 -4.64 12.79 -13.44
CA LEU A 278 -3.54 12.27 -12.65
C LEU A 278 -2.86 13.54 -12.14
N HIS A 279 -3.06 13.84 -10.87
CA HIS A 279 -2.48 15.03 -10.26
C HIS A 279 -1.00 14.77 -10.09
N LYS A 280 -0.19 15.80 -10.32
CA LYS A 280 1.26 15.64 -10.21
C LYS A 280 1.67 15.15 -8.83
N SER A 281 0.80 15.37 -7.86
CA SER A 281 1.03 14.96 -6.48
C SER A 281 0.98 13.44 -6.31
N GLY A 282 0.35 12.76 -7.26
CA GLY A 282 0.30 11.31 -7.17
C GLY A 282 -1.03 10.67 -6.82
N TYR A 283 -2.09 11.06 -7.50
CA TYR A 283 -3.41 10.48 -7.27
C TYR A 283 -4.30 10.77 -8.46
N VAL A 284 -5.40 10.02 -8.56
CA VAL A 284 -6.30 10.15 -9.70
C VAL A 284 -7.75 10.46 -9.33
N THR A 285 -8.40 11.28 -10.15
CA THR A 285 -9.80 11.64 -9.93
C THR A 285 -10.55 11.53 -11.26
N VAL A 286 -11.85 11.27 -11.17
CA VAL A 286 -12.72 11.16 -12.34
C VAL A 286 -13.96 12.00 -12.08
N ALA A 287 -14.71 12.31 -13.14
CA ALA A 287 -15.94 13.08 -12.99
C ALA A 287 -17.10 12.12 -12.76
N HIS A 288 -17.47 11.95 -11.49
CA HIS A 288 -18.55 11.05 -11.12
C HIS A 288 -19.01 11.27 -9.69
N THR A 289 -20.28 11.00 -9.42
CA THR A 289 -20.83 11.15 -8.08
C THR A 289 -21.47 9.84 -7.63
N GLY A 290 -21.02 9.32 -6.49
CA GLY A 290 -21.56 8.07 -6.00
C GLY A 290 -20.61 6.91 -6.19
N PRO A 291 -20.78 5.82 -5.43
CA PRO A 291 -19.93 4.63 -5.52
C PRO A 291 -20.14 3.89 -6.83
N HIS A 292 -19.07 3.36 -7.40
CA HIS A 292 -19.21 2.66 -8.67
C HIS A 292 -18.05 1.74 -9.02
N ASP A 293 -18.38 0.49 -9.30
CA ASP A 293 -17.38 -0.50 -9.70
C ASP A 293 -17.28 -0.38 -11.22
N LEU A 294 -16.14 0.08 -11.71
CA LEU A 294 -15.95 0.26 -13.14
C LEU A 294 -15.87 -1.04 -13.95
N VAL A 295 -16.64 -1.10 -15.03
CA VAL A 295 -16.61 -2.27 -15.91
C VAL A 295 -15.70 -1.88 -17.06
N ILE A 296 -14.57 -2.57 -17.20
CA ILE A 296 -13.60 -2.24 -18.24
C ILE A 296 -13.16 -3.44 -19.08
N PRO A 297 -12.76 -3.18 -20.33
CA PRO A 297 -12.30 -4.27 -21.20
C PRO A 297 -10.98 -4.74 -20.59
N PRO A 298 -10.84 -6.06 -20.40
CA PRO A 298 -9.64 -6.67 -19.83
C PRO A 298 -8.32 -6.20 -20.42
N ASN A 299 -8.34 -5.72 -21.66
CA ASN A 299 -7.10 -5.28 -22.30
C ASN A 299 -6.86 -3.78 -22.25
N GLY A 300 -7.77 -3.04 -21.63
CA GLY A 300 -7.61 -1.60 -21.57
C GLY A 300 -6.48 -1.13 -20.66
N TYR A 301 -5.95 0.05 -20.93
CA TYR A 301 -4.88 0.61 -20.11
C TYR A 301 -4.94 2.13 -20.16
N PHE A 302 -4.14 2.77 -19.32
CA PHE A 302 -4.12 4.23 -19.27
C PHE A 302 -3.08 4.78 -20.23
N ARG A 303 -3.34 5.97 -20.75
CA ARG A 303 -2.44 6.63 -21.70
C ARG A 303 -2.42 8.13 -21.41
N PHE A 304 -1.22 8.68 -21.22
CA PHE A 304 -1.10 10.11 -20.96
C PHE A 304 -1.30 10.84 -22.29
N ASP A 305 -2.26 11.74 -22.32
CA ASP A 305 -2.52 12.47 -23.56
C ASP A 305 -2.10 13.93 -23.54
N SER A 306 -2.22 14.58 -22.40
CA SER A 306 -1.85 15.99 -22.34
C SER A 306 -1.91 16.60 -20.95
N TRP A 307 -1.09 17.62 -20.72
CA TRP A 307 -1.11 18.34 -19.46
C TRP A 307 -2.23 19.35 -19.63
N VAL A 308 -3.01 19.59 -18.57
CA VAL A 308 -4.11 20.55 -18.65
C VAL A 308 -4.09 21.46 -17.44
N ASN A 309 -4.99 22.44 -17.42
CA ASN A 309 -5.06 23.36 -16.28
C ASN A 309 -5.81 22.67 -15.14
N GLN A 310 -5.56 23.12 -13.91
CA GLN A 310 -6.23 22.56 -12.75
C GLN A 310 -7.71 22.87 -12.82
N PHE A 311 -8.08 23.71 -13.78
CA PHE A 311 -9.49 24.10 -13.94
C PHE A 311 -10.18 23.37 -15.08
N TYR A 312 -9.53 22.31 -15.58
CA TYR A 312 -10.09 21.53 -16.68
C TYR A 312 -11.24 20.65 -16.20
N THR A 313 -12.36 20.69 -16.92
CA THR A 313 -13.50 19.88 -16.54
C THR A 313 -13.48 18.58 -17.32
N LEU A 314 -13.44 17.47 -16.59
CA LEU A 314 -13.41 16.14 -17.18
C LEU A 314 -14.74 15.77 -17.81
N ALA A 315 -14.69 14.96 -18.87
CA ALA A 315 -15.92 14.50 -19.49
C ALA A 315 -16.46 13.50 -18.46
N PRO A 316 -17.77 13.57 -18.15
CA PRO A 316 -18.30 12.62 -17.17
C PRO A 316 -17.89 11.19 -17.46
N MET A 317 -17.45 10.48 -16.42
CA MET A 317 -17.01 9.10 -16.56
C MET A 317 -18.12 8.15 -16.98
N GLY A 318 -17.72 7.11 -17.72
CA GLY A 318 -18.66 6.10 -18.18
C GLY A 318 -18.03 4.73 -18.05
C1 GAL B . 11.62 -31.81 11.90
C2 GAL B . 10.72 -30.53 11.72
C3 GAL B . 9.29 -31.01 12.17
C4 GAL B . 8.80 -32.16 11.29
C5 GAL B . 9.79 -33.34 11.47
C6 GAL B . 9.45 -34.62 10.63
O1 GAL B . 12.93 -31.61 11.48
O2 GAL B . 11.24 -29.49 12.40
O3 GAL B . 8.31 -29.97 12.41
O4 GAL B . 8.72 -31.76 9.90
O5 GAL B . 11.14 -32.96 11.14
O6 GAL B . 10.76 -35.36 10.60
C1 FUC B . 11.64 -28.30 11.78
C2 FUC B . 11.89 -27.00 12.57
C3 FUC B . 13.09 -27.18 13.52
C4 FUC B . 14.34 -27.48 12.67
C5 FUC B . 14.11 -28.75 11.84
C6 FUC B . 15.28 -29.09 10.90
O2 FUC B . 10.72 -26.72 13.29
O3 FUC B . 13.32 -25.98 14.27
O4 FUC B . 14.70 -26.39 11.86
O5 FUC B . 12.88 -28.62 11.07
C1 GLA B . 7.54 -29.86 13.55
C2 GLA B . 6.62 -28.61 13.47
C3 GLA B . 7.47 -27.32 13.70
C4 GLA B . 8.15 -27.39 15.08
C5 GLA B . 9.06 -28.65 15.12
C6 GLA B . 9.79 -28.87 16.48
O2 GLA B . 5.92 -28.63 12.16
O3 GLA B . 6.64 -26.18 13.64
O4 GLA B . 7.16 -27.48 16.10
O5 GLA B . 8.28 -29.84 14.81
O6 GLA B . 9.16 -29.87 17.27
#